data_5XJ7
#
_entry.id   5XJ7
#
_cell.length_a   46.224
_cell.length_b   65.599
_cell.length_c   84.678
_cell.angle_alpha   90.00
_cell.angle_beta   90.00
_cell.angle_gamma   90.00
#
_symmetry.space_group_name_H-M   'P 21 21 21'
#
loop_
_entity.id
_entity.type
_entity.pdbx_description
1 polymer 'Glycerol-3-phosphate acyltransferase'
2 non-polymer (2S)-2,3-DIHYDROXYPROPYL(7Z)-PENTADEC-7-ENOATE
3 non-polymer 'phosphono hexadecanoate'
4 non-polymer 'POTASSIUM ION'
5 non-polymer 'PHOSPHATE ION'
6 water water
#
_entity_poly.entity_id   1
_entity_poly.type   'polypeptide(L)'
_entity_poly.pdbx_seq_one_letter_code
;(FME)GSALFLVIFAYLLGSITFGEVIAKLKGVDLRNVGSGNVGATNVTRALGKKYGVLVFFLDFLKGFIPALIAVKSFG
IDSWVLTFTGLASVLGHMYPVFFGFKGGKGVATALGVVFAVSPSVALFSFLVWLGIFLWKRYVSLASITATISAFLFLFV
AGYPVNVLFMAIVIGALIIYRHRENINRLLTGREHRFGTLEVLFQ
;
_entity_poly.pdbx_strand_id   A
#
loop_
_chem_comp.id
_chem_comp.type
_chem_comp.name
_chem_comp.formula
78M non-polymer (2S)-2,3-DIHYDROXYPROPYL(7Z)-PENTADEC-7-ENOATE 'C18 H34 O4'
87O non-polymer 'phosphono hexadecanoate' 'C16 H33 O5 P'
K non-polymer 'POTASSIUM ION' 'K 1'
PO4 non-polymer 'PHOSPHATE ION' 'O4 P -3'
#
# COMPACT_ATOMS: atom_id res chain seq x y z
N FME A 1 -11.19 -2.15 -23.72
CN FME A 1 -10.61 -0.86 -24.06
O1 FME A 1 -9.43 -0.72 -24.05
CA FME A 1 -12.62 -2.26 -23.73
CB FME A 1 -13.09 -3.71 -23.84
CG FME A 1 -12.27 -4.58 -22.89
SD FME A 1 -13.29 -4.85 -21.24
CE FME A 1 -14.09 -6.62 -21.31
C FME A 1 -13.17 -1.62 -22.46
O FME A 1 -12.43 -1.34 -21.47
N GLY A 2 -14.48 -1.38 -22.50
CA GLY A 2 -15.15 -0.56 -21.52
C GLY A 2 -15.12 -1.11 -20.12
N SER A 3 -15.31 -2.42 -19.97
CA SER A 3 -15.33 -3.02 -18.64
C SER A 3 -13.99 -2.87 -17.95
N ALA A 4 -12.90 -3.01 -18.69
CA ALA A 4 -11.58 -2.84 -18.11
C ALA A 4 -11.35 -1.38 -17.72
N LEU A 5 -11.77 -0.45 -18.57
CA LEU A 5 -11.61 0.95 -18.25
C LEU A 5 -12.43 1.32 -17.02
N PHE A 6 -13.65 0.78 -16.92
CA PHE A 6 -14.49 1.05 -15.75
C PHE A 6 -13.81 0.59 -14.47
N LEU A 7 -13.24 -0.61 -14.50
CA LEU A 7 -12.62 -1.14 -13.29
C LEU A 7 -11.42 -0.31 -12.88
N VAL A 8 -10.61 0.10 -13.86
CA VAL A 8 -9.42 0.86 -13.55
C VAL A 8 -9.78 2.22 -12.94
N ILE A 9 -10.77 2.91 -13.51
CA ILE A 9 -11.19 4.19 -12.95
C ILE A 9 -11.80 4.02 -11.57
N PHE A 10 -12.65 2.99 -11.41
CA PHE A 10 -13.19 2.67 -10.10
C PHE A 10 -12.07 2.47 -9.08
N ALA A 11 -11.03 1.73 -9.46
CA ALA A 11 -9.92 1.47 -8.54
C ALA A 11 -9.22 2.77 -8.14
N TYR A 12 -9.04 3.68 -9.10
CA TYR A 12 -8.38 4.95 -8.79
C TYR A 12 -9.24 5.78 -7.84
N LEU A 13 -10.54 5.85 -8.10
CA LEU A 13 -11.43 6.63 -7.24
C LEU A 13 -11.50 6.03 -5.84
N LEU A 14 -11.65 4.70 -5.75
CA LEU A 14 -11.68 4.04 -4.46
C LEU A 14 -10.35 4.22 -3.73
N GLY A 15 -9.24 4.06 -4.45
CA GLY A 15 -7.94 4.24 -3.83
C GLY A 15 -7.75 5.63 -3.26
N SER A 16 -8.42 6.62 -3.86
CA SER A 16 -8.27 8.01 -3.44
C SER A 16 -8.91 8.30 -2.09
N ILE A 17 -9.69 7.38 -1.54
CA ILE A 17 -10.26 7.55 -0.21
C ILE A 17 -9.23 7.11 0.81
N THR A 18 -8.41 8.04 1.28
CA THR A 18 -7.43 7.75 2.32
C THR A 18 -8.16 7.74 3.65
N PHE A 19 -8.40 6.53 4.17
CA PHE A 19 -9.30 6.37 5.31
C PHE A 19 -8.71 6.91 6.60
N GLY A 20 -7.39 7.06 6.68
CA GLY A 20 -6.81 7.76 7.82
C GLY A 20 -7.38 9.15 8.00
N GLU A 21 -7.59 9.86 6.88
CA GLU A 21 -8.24 11.17 6.93
C GLU A 21 -9.68 11.04 7.41
N VAL A 22 -10.39 10.01 6.95
CA VAL A 22 -11.80 9.85 7.28
C VAL A 22 -11.97 9.64 8.78
N ILE A 23 -11.07 8.87 9.39
CA ILE A 23 -11.20 8.57 10.82
C ILE A 23 -10.54 9.65 11.68
N ALA A 24 -9.48 10.30 11.17
CA ALA A 24 -8.82 11.35 11.95
C ALA A 24 -9.74 12.56 12.15
N LYS A 25 -10.37 13.03 11.06
CA LYS A 25 -11.32 14.12 11.20
C LYS A 25 -12.54 13.68 12.01
N LEU A 26 -12.82 12.37 12.05
CA LEU A 26 -14.00 11.86 12.74
C LEU A 26 -13.97 12.17 14.22
N LYS A 27 -12.78 12.26 14.81
CA LYS A 27 -12.58 12.72 16.18
C LYS A 27 -11.76 14.01 16.22
N GLY A 28 -11.88 14.84 15.19
CA GLY A 28 -11.39 16.22 15.24
C GLY A 28 -9.88 16.40 15.17
N VAL A 29 -9.13 15.36 14.88
CA VAL A 29 -7.68 15.43 14.87
C VAL A 29 -7.18 15.92 13.51
N ASP A 30 -6.33 16.94 13.53
CA ASP A 30 -5.58 17.35 12.35
C ASP A 30 -4.44 16.35 12.20
N LEU A 31 -4.70 15.28 11.43
CA LEU A 31 -3.68 14.27 11.21
C LEU A 31 -2.41 14.88 10.64
N ARG A 32 -2.53 15.93 9.82
CA ARG A 32 -1.37 16.62 9.29
C ARG A 32 -0.63 17.41 10.36
N ASN A 33 -1.19 17.55 11.56
CA ASN A 33 -0.51 18.14 12.71
C ASN A 33 0.26 17.06 13.47
N VAL A 34 -0.47 16.04 13.96
CA VAL A 34 0.10 15.06 14.87
C VAL A 34 1.22 14.26 14.21
N GLY A 35 2.16 13.82 15.06
CA GLY A 35 3.18 12.86 14.65
C GLY A 35 3.96 13.34 13.45
N SER A 36 3.95 12.53 12.39
CA SER A 36 4.67 12.85 11.17
C SER A 36 3.85 13.63 10.17
N GLY A 37 2.57 13.85 10.45
CA GLY A 37 1.68 14.53 9.53
C GLY A 37 1.16 13.68 8.39
N ASN A 38 1.35 12.36 8.45
CA ASN A 38 0.92 11.49 7.35
C ASN A 38 -0.47 10.91 7.62
N VAL A 39 -1.08 10.35 6.57
CA VAL A 39 -2.45 9.85 6.64
C VAL A 39 -2.53 8.35 6.78
N GLY A 40 -1.40 7.64 6.71
CA GLY A 40 -1.42 6.19 6.72
C GLY A 40 -1.66 5.59 8.11
N ALA A 41 -1.76 4.26 8.12
CA ALA A 41 -2.06 3.55 9.37
C ALA A 41 -1.03 3.85 10.45
N THR A 42 0.22 4.13 10.06
CA THR A 42 1.29 4.34 11.02
C THR A 42 1.04 5.61 11.85
N ASN A 43 0.72 6.71 11.19
CA ASN A 43 0.47 7.94 11.92
C ASN A 43 -0.89 7.93 12.60
N VAL A 44 -1.86 7.18 12.06
CA VAL A 44 -3.13 6.99 12.76
C VAL A 44 -2.88 6.30 14.11
N THR A 45 -2.09 5.23 14.10
CA THR A 45 -1.68 4.59 15.35
C THR A 45 -1.03 5.61 16.29
N ARG A 46 -0.08 6.39 15.75
CA ARG A 46 0.67 7.33 16.56
C ARG A 46 -0.21 8.42 17.16
N ALA A 47 -1.34 8.70 16.52
CA ALA A 47 -2.23 9.79 16.91
C ALA A 47 -3.47 9.31 17.65
N LEU A 48 -4.05 8.18 17.25
CA LEU A 48 -5.33 7.74 17.77
C LEU A 48 -5.28 6.44 18.53
N GLY A 49 -4.18 5.73 18.52
CA GLY A 49 -4.09 4.44 19.17
C GLY A 49 -3.99 3.30 18.17
N LYS A 50 -3.51 2.15 18.66
CA LYS A 50 -3.24 1.00 17.81
C LYS A 50 -4.53 0.48 17.17
N LYS A 51 -5.64 0.51 17.90
CA LYS A 51 -6.89 -0.03 17.37
C LYS A 51 -7.33 0.72 16.12
N TYR A 52 -7.17 2.05 16.12
CA TYR A 52 -7.56 2.84 14.95
C TYR A 52 -6.56 2.69 13.81
N GLY A 53 -5.28 2.49 14.12
CA GLY A 53 -4.32 2.19 13.08
C GLY A 53 -4.61 0.87 12.37
N VAL A 54 -5.08 -0.13 13.13
CA VAL A 54 -5.38 -1.42 12.54
C VAL A 54 -6.63 -1.32 11.65
N LEU A 55 -7.63 -0.57 12.10
CA LEU A 55 -8.81 -0.34 11.27
C LEU A 55 -8.46 0.39 9.98
N VAL A 56 -7.59 1.40 10.06
CA VAL A 56 -7.19 2.13 8.86
C VAL A 56 -6.37 1.22 7.95
N PHE A 57 -5.47 0.42 8.53
CA PHE A 57 -4.72 -0.53 7.73
C PHE A 57 -5.63 -1.46 6.94
N PHE A 58 -6.65 -2.01 7.62
CA PHE A 58 -7.55 -2.93 6.93
CA PHE A 58 -7.56 -2.93 6.94
C PHE A 58 -8.37 -2.23 5.85
N LEU A 59 -8.84 -1.01 6.12
CA LEU A 59 -9.61 -0.29 5.11
C LEU A 59 -8.73 0.09 3.92
N ASP A 60 -7.52 0.57 4.17
CA ASP A 60 -6.63 0.89 3.05
C ASP A 60 -6.19 -0.38 2.33
N PHE A 61 -6.07 -1.51 3.05
CA PHE A 61 -5.82 -2.81 2.42
C PHE A 61 -6.95 -3.18 1.47
N LEU A 62 -8.19 -2.98 1.88
CA LEU A 62 -9.34 -3.40 1.08
C LEU A 62 -9.48 -2.60 -0.21
N LYS A 63 -9.03 -1.34 -0.24
CA LYS A 63 -9.23 -0.67 -1.51
C LYS A 63 -8.23 -1.12 -2.57
N GLY A 64 -7.17 -1.84 -2.18
CA GLY A 64 -6.39 -2.56 -3.16
C GLY A 64 -6.95 -3.96 -3.45
N PHE A 65 -7.39 -4.64 -2.40
CA PHE A 65 -7.84 -6.02 -2.55
C PHE A 65 -9.09 -6.11 -3.42
N ILE A 66 -10.07 -5.24 -3.21
CA ILE A 66 -11.39 -5.44 -3.82
C ILE A 66 -11.33 -5.25 -5.33
N PRO A 67 -10.78 -4.16 -5.88
CA PRO A 67 -10.71 -4.06 -7.34
C PRO A 67 -9.80 -5.10 -7.96
N ALA A 68 -8.67 -5.43 -7.30
CA ALA A 68 -7.78 -6.43 -7.87
C ALA A 68 -8.44 -7.81 -7.91
N LEU A 69 -9.21 -8.14 -6.86
CA LEU A 69 -9.95 -9.40 -6.88
C LEU A 69 -10.96 -9.44 -8.02
N ILE A 70 -11.64 -8.33 -8.25
CA ILE A 70 -12.55 -8.25 -9.39
C ILE A 70 -11.78 -8.48 -10.69
N ALA A 71 -10.59 -7.88 -10.81
CA ALA A 71 -9.79 -8.07 -12.01
C ALA A 71 -9.35 -9.53 -12.16
N VAL A 72 -8.88 -10.12 -11.07
CA VAL A 72 -8.47 -11.52 -11.11
C VAL A 72 -9.62 -12.41 -11.57
N LYS A 73 -10.80 -12.18 -11.02
CA LYS A 73 -11.90 -13.10 -11.31
C LYS A 73 -12.53 -12.83 -12.67
N SER A 74 -12.55 -11.57 -13.11
CA SER A 74 -13.21 -11.20 -14.36
C SER A 74 -12.29 -11.26 -15.57
N PHE A 75 -11.00 -11.04 -15.38
CA PHE A 75 -10.06 -10.99 -16.49
C PHE A 75 -8.93 -11.98 -16.40
N GLY A 76 -8.51 -12.35 -15.21
CA GLY A 76 -7.43 -13.31 -15.08
C GLY A 76 -6.18 -12.69 -14.48
N ILE A 77 -5.43 -13.51 -13.75
CA ILE A 77 -4.15 -13.05 -13.19
C ILE A 77 -3.17 -12.70 -14.29
N ASP A 78 -3.28 -13.33 -15.46
CA ASP A 78 -2.37 -13.03 -16.57
C ASP A 78 -2.84 -11.83 -17.41
N SER A 79 -3.87 -11.10 -16.99
CA SER A 79 -4.39 -9.98 -17.75
C SER A 79 -3.70 -8.67 -17.38
N TRP A 80 -3.40 -7.85 -18.40
CA TRP A 80 -2.89 -6.51 -18.12
C TRP A 80 -3.96 -5.62 -17.50
N VAL A 81 -5.23 -6.04 -17.52
CA VAL A 81 -6.24 -5.33 -16.75
C VAL A 81 -5.94 -5.39 -15.26
N LEU A 82 -5.48 -6.54 -14.78
CA LEU A 82 -5.07 -6.60 -13.38
C LEU A 82 -3.92 -5.63 -13.12
N THR A 83 -2.93 -5.62 -14.02
CA THR A 83 -1.77 -4.74 -13.87
C THR A 83 -2.20 -3.29 -13.65
N PHE A 84 -3.11 -2.82 -14.48
CA PHE A 84 -3.48 -1.41 -14.40
C PHE A 84 -4.48 -1.14 -13.29
N THR A 85 -5.29 -2.13 -12.94
CA THR A 85 -6.20 -1.98 -11.80
C THR A 85 -5.42 -1.86 -10.49
N GLY A 86 -4.46 -2.76 -10.26
CA GLY A 86 -3.68 -2.66 -9.03
C GLY A 86 -2.91 -1.37 -8.96
N LEU A 87 -2.28 -0.99 -10.06
CA LEU A 87 -1.56 0.27 -10.10
CA LEU A 87 -1.56 0.28 -10.10
C LEU A 87 -2.50 1.45 -9.81
N ALA A 88 -3.72 1.41 -10.36
CA ALA A 88 -4.67 2.50 -10.13
C ALA A 88 -5.05 2.63 -8.67
N SER A 89 -5.26 1.50 -7.97
CA SER A 89 -5.56 1.56 -6.54
C SER A 89 -4.45 2.27 -5.75
N VAL A 90 -3.21 1.89 -6.03
CA VAL A 90 -2.06 2.44 -5.30
C VAL A 90 -1.85 3.91 -5.66
N LEU A 91 -1.99 4.25 -6.95
CA LEU A 91 -1.86 5.63 -7.37
C LEU A 91 -2.93 6.51 -6.74
N GLY A 92 -4.14 5.97 -6.57
CA GLY A 92 -5.17 6.72 -5.87
C GLY A 92 -4.79 7.01 -4.43
N HIS A 93 -4.24 6.01 -3.73
CA HIS A 93 -3.78 6.26 -2.36
C HIS A 93 -2.67 7.29 -2.33
N MET A 94 -1.75 7.22 -3.30
CA MET A 94 -0.61 8.13 -3.33
C MET A 94 -0.96 9.53 -3.82
N TYR A 95 -1.89 9.63 -4.76
CA TYR A 95 -2.27 10.90 -5.40
C TYR A 95 -3.79 10.99 -5.46
N PRO A 96 -4.44 11.21 -4.32
CA PRO A 96 -5.90 11.11 -4.30
C PRO A 96 -6.54 12.21 -5.14
N VAL A 97 -7.58 11.82 -5.88
CA VAL A 97 -8.23 12.77 -6.79
C VAL A 97 -8.97 13.85 -6.00
N PHE A 98 -9.46 13.53 -4.81
CA PHE A 98 -10.28 14.45 -4.04
C PHE A 98 -9.42 15.57 -3.49
N PHE A 99 -9.85 16.81 -3.73
CA PHE A 99 -9.02 17.97 -3.42
C PHE A 99 -8.53 17.96 -1.99
N GLY A 100 -9.37 17.53 -1.06
CA GLY A 100 -9.03 17.61 0.34
C GLY A 100 -8.30 16.43 0.93
N PHE A 101 -7.98 15.42 0.14
CA PHE A 101 -7.26 14.25 0.63
C PHE A 101 -5.80 14.35 0.22
N LYS A 102 -4.90 14.20 1.19
CA LYS A 102 -3.51 14.11 0.82
C LYS A 102 -3.12 12.64 0.76
N GLY A 103 -2.10 12.35 -0.03
CA GLY A 103 -1.76 10.98 -0.29
C GLY A 103 -0.86 10.36 0.76
N GLY A 104 -0.87 9.04 0.77
CA GLY A 104 -0.01 8.25 1.61
C GLY A 104 1.10 7.59 0.82
N LYS A 105 1.67 6.53 1.40
CA LYS A 105 2.77 5.85 0.76
C LYS A 105 2.37 4.58 0.03
N GLY A 106 1.14 4.11 0.22
CA GLY A 106 0.60 3.04 -0.62
C GLY A 106 0.91 1.63 -0.18
N VAL A 107 1.46 1.45 1.02
CA VAL A 107 1.94 0.12 1.41
C VAL A 107 0.78 -0.81 1.75
N ALA A 108 -0.19 -0.35 2.54
CA ALA A 108 -1.31 -1.22 2.89
C ALA A 108 -2.14 -1.56 1.65
N THR A 109 -2.37 -0.58 0.79
CA THR A 109 -3.14 -0.82 -0.42
C THR A 109 -2.42 -1.79 -1.34
N ALA A 110 -1.10 -1.63 -1.48
CA ALA A 110 -0.31 -2.54 -2.31
C ALA A 110 -0.36 -3.97 -1.78
N LEU A 111 -0.31 -4.14 -0.45
CA LEU A 111 -0.46 -5.48 0.10
C LEU A 111 -1.80 -6.07 -0.30
N GLY A 112 -2.85 -5.24 -0.32
CA GLY A 112 -4.17 -5.74 -0.72
C GLY A 112 -4.19 -6.24 -2.14
N VAL A 113 -3.52 -5.51 -3.04
CA VAL A 113 -3.39 -5.96 -4.43
C VAL A 113 -2.71 -7.32 -4.48
N VAL A 114 -1.57 -7.45 -3.80
CA VAL A 114 -0.83 -8.72 -3.82
C VAL A 114 -1.68 -9.86 -3.27
N PHE A 115 -2.43 -9.60 -2.19
CA PHE A 115 -3.26 -10.65 -1.60
C PHE A 115 -4.34 -11.14 -2.58
N ALA A 116 -4.86 -10.27 -3.43
CA ALA A 116 -5.85 -10.69 -4.43
C ALA A 116 -5.24 -11.65 -5.44
N VAL A 117 -3.95 -11.48 -5.72
CA VAL A 117 -3.26 -12.37 -6.65
C VAL A 117 -2.88 -13.67 -5.96
N SER A 118 -2.22 -13.59 -4.81
CA SER A 118 -1.74 -14.78 -4.11
C SER A 118 -1.69 -14.49 -2.63
N PRO A 119 -2.65 -15.00 -1.85
CA PRO A 119 -2.57 -14.84 -0.39
C PRO A 119 -1.25 -15.34 0.18
N SER A 120 -0.68 -16.42 -0.39
CA SER A 120 0.57 -16.94 0.16
CA SER A 120 0.58 -16.96 0.12
C SER A 120 1.71 -15.95 -0.02
N VAL A 121 1.83 -15.36 -1.21
CA VAL A 121 2.87 -14.35 -1.43
C VAL A 121 2.66 -13.16 -0.52
N ALA A 122 1.40 -12.74 -0.34
CA ALA A 122 1.12 -11.61 0.53
C ALA A 122 1.48 -11.90 1.99
N LEU A 123 1.13 -13.10 2.46
CA LEU A 123 1.45 -13.44 3.85
C LEU A 123 2.96 -13.55 4.05
N PHE A 124 3.69 -14.07 3.07
CA PHE A 124 5.14 -14.10 3.18
C PHE A 124 5.74 -12.70 3.16
N SER A 125 5.18 -11.80 2.32
CA SER A 125 5.68 -10.43 2.32
C SER A 125 5.38 -9.73 3.63
N PHE A 126 4.20 -9.98 4.21
CA PHE A 126 3.89 -9.40 5.50
C PHE A 126 4.77 -9.96 6.61
N LEU A 127 5.16 -11.25 6.52
CA LEU A 127 6.09 -11.80 7.50
C LEU A 127 7.45 -11.12 7.40
N VAL A 128 7.91 -10.83 6.17
CA VAL A 128 9.14 -10.06 6.02
C VAL A 128 9.00 -8.71 6.71
N TRP A 129 7.91 -8.00 6.42
CA TRP A 129 7.66 -6.71 7.06
C TRP A 129 7.72 -6.84 8.58
N LEU A 130 6.98 -7.80 9.13
CA LEU A 130 6.94 -7.93 10.60
C LEU A 130 8.31 -8.26 11.16
N GLY A 131 9.03 -9.19 10.53
CA GLY A 131 10.36 -9.52 11.02
C GLY A 131 11.28 -8.31 11.03
N ILE A 132 11.29 -7.55 9.94
CA ILE A 132 12.16 -6.37 9.87
C ILE A 132 11.72 -5.33 10.88
N PHE A 133 10.40 -5.16 11.05
CA PHE A 133 9.94 -4.19 12.04
C PHE A 133 10.34 -4.60 13.45
N LEU A 134 10.18 -5.88 13.80
CA LEU A 134 10.54 -6.32 15.14
C LEU A 134 12.05 -6.21 15.38
N TRP A 135 12.84 -6.39 14.32
CA TRP A 135 14.29 -6.33 14.42
C TRP A 135 14.78 -4.91 14.75
N LYS A 136 14.33 -3.91 13.98
CA LYS A 136 14.90 -2.58 14.09
C LYS A 136 13.91 -1.49 14.49
N ARG A 137 12.60 -1.78 14.51
CA ARG A 137 11.56 -0.86 14.96
C ARG A 137 11.40 0.35 14.05
N TYR A 138 11.79 0.24 12.78
CA TYR A 138 11.54 1.27 11.77
C TYR A 138 10.44 0.78 10.85
N VAL A 139 9.33 1.51 10.80
CA VAL A 139 8.27 1.13 9.85
C VAL A 139 8.78 1.24 8.41
N SER A 140 9.47 2.33 8.09
CA SER A 140 9.91 2.59 6.72
C SER A 140 10.83 1.48 6.23
N LEU A 141 11.82 1.11 7.04
CA LEU A 141 12.76 0.07 6.64
C LEU A 141 12.03 -1.24 6.38
N ALA A 142 11.03 -1.54 7.20
CA ALA A 142 10.25 -2.76 7.02
C ALA A 142 9.42 -2.71 5.73
N SER A 143 8.77 -1.56 5.48
CA SER A 143 7.96 -1.42 4.26
C SER A 143 8.82 -1.53 3.01
N ILE A 144 9.99 -0.88 3.03
CA ILE A 144 10.86 -0.95 1.85
C ILE A 144 11.34 -2.37 1.62
N THR A 145 11.83 -3.04 2.67
CA THR A 145 12.35 -4.38 2.52
C THR A 145 11.27 -5.35 2.04
N ALA A 146 10.09 -5.24 2.62
CA ALA A 146 9.01 -6.17 2.28
C ALA A 146 8.45 -5.90 0.90
N THR A 147 8.51 -4.63 0.45
CA THR A 147 8.09 -4.30 -0.90
C THR A 147 9.00 -4.96 -1.93
N ILE A 148 10.31 -4.90 -1.69
CA ILE A 148 11.23 -5.59 -2.58
C ILE A 148 11.02 -7.09 -2.52
N SER A 149 10.77 -7.61 -1.31
CA SER A 149 10.62 -9.05 -1.14
CA SER A 149 10.61 -9.05 -1.13
C SER A 149 9.38 -9.56 -1.88
N ALA A 150 8.30 -8.77 -1.89
CA ALA A 150 7.09 -9.20 -2.61
C ALA A 150 7.38 -9.44 -4.08
N PHE A 151 8.20 -8.58 -4.69
CA PHE A 151 8.55 -8.79 -6.10
C PHE A 151 9.32 -10.10 -6.26
N LEU A 152 10.31 -10.35 -5.39
CA LEU A 152 11.08 -11.58 -5.48
C LEU A 152 10.20 -12.81 -5.26
N PHE A 153 9.27 -12.74 -4.32
CA PHE A 153 8.38 -13.88 -4.06
C PHE A 153 7.47 -14.14 -5.26
N LEU A 154 6.96 -13.08 -5.89
CA LEU A 154 6.12 -13.26 -7.08
C LEU A 154 6.93 -13.87 -8.22
N PHE A 155 8.18 -13.45 -8.37
CA PHE A 155 9.05 -14.02 -9.40
C PHE A 155 9.30 -15.51 -9.16
N VAL A 156 9.77 -15.87 -7.96
CA VAL A 156 10.08 -17.28 -7.72
C VAL A 156 8.83 -18.14 -7.73
N ALA A 157 7.67 -17.54 -7.41
CA ALA A 157 6.43 -18.31 -7.46
C ALA A 157 5.89 -18.48 -8.87
N GLY A 158 6.57 -17.95 -9.88
CA GLY A 158 6.19 -18.18 -11.27
C GLY A 158 5.13 -17.25 -11.83
N TYR A 159 4.80 -16.15 -11.17
CA TYR A 159 3.75 -15.29 -11.68
C TYR A 159 4.24 -14.54 -12.92
N PRO A 160 3.34 -14.23 -13.85
CA PRO A 160 3.74 -13.82 -15.21
C PRO A 160 4.17 -12.36 -15.32
N VAL A 161 4.65 -12.00 -16.52
CA VAL A 161 5.32 -10.71 -16.72
C VAL A 161 4.40 -9.54 -16.37
N ASN A 162 3.10 -9.65 -16.67
CA ASN A 162 2.20 -8.55 -16.34
C ASN A 162 2.10 -8.32 -14.84
N VAL A 163 2.18 -9.40 -14.05
CA VAL A 163 2.16 -9.26 -12.60
C VAL A 163 3.49 -8.69 -12.11
N LEU A 164 4.60 -9.17 -12.67
CA LEU A 164 5.90 -8.65 -12.26
C LEU A 164 6.05 -7.19 -12.62
N PHE A 165 5.55 -6.79 -13.79
CA PHE A 165 5.53 -5.38 -14.15
C PHE A 165 4.74 -4.57 -13.14
N MET A 166 3.56 -5.07 -12.77
CA MET A 166 2.74 -4.38 -11.78
C MET A 166 3.50 -4.23 -10.46
N ALA A 167 4.18 -5.29 -10.03
CA ALA A 167 4.91 -5.25 -8.77
C ALA A 167 6.12 -4.31 -8.82
N ILE A 168 6.83 -4.30 -9.95
CA ILE A 168 8.02 -3.45 -10.02
CA ILE A 168 8.01 -3.45 -10.11
C ILE A 168 7.62 -1.98 -10.05
N VAL A 169 6.56 -1.62 -10.77
CA VAL A 169 6.17 -0.22 -10.85
C VAL A 169 5.57 0.24 -9.52
N ILE A 170 4.71 -0.59 -8.92
CA ILE A 170 4.20 -0.25 -7.59
C ILE A 170 5.34 -0.13 -6.59
N GLY A 171 6.28 -1.06 -6.62
CA GLY A 171 7.40 -1.01 -5.68
C GLY A 171 8.28 0.21 -5.88
N ALA A 172 8.54 0.57 -7.13
CA ALA A 172 9.29 1.80 -7.41
C ALA A 172 8.57 3.02 -6.84
N LEU A 173 7.25 3.10 -7.06
CA LEU A 173 6.49 4.24 -6.52
C LEU A 173 6.52 4.27 -5.00
N ILE A 174 6.37 3.11 -4.35
CA ILE A 174 6.43 3.06 -2.89
C ILE A 174 7.78 3.53 -2.39
N ILE A 175 8.85 3.08 -3.04
CA ILE A 175 10.19 3.47 -2.58
C ILE A 175 10.40 4.96 -2.81
N TYR A 176 9.89 5.49 -3.92
CA TYR A 176 9.94 6.94 -4.16
C TYR A 176 9.20 7.70 -3.07
N ARG A 177 8.05 7.21 -2.63
CA ARG A 177 7.33 7.89 -1.56
C ARG A 177 8.09 7.85 -0.24
N HIS A 178 9.06 6.94 -0.09
CA HIS A 178 9.88 6.85 1.12
C HIS A 178 11.20 7.60 1.01
N ARG A 179 11.35 8.49 0.03
CA ARG A 179 12.68 9.05 -0.22
C ARG A 179 13.21 9.81 0.99
N GLU A 180 12.33 10.54 1.69
CA GLU A 180 12.80 11.24 2.89
C GLU A 180 13.08 10.26 4.03
N ASN A 181 12.32 9.17 4.14
CA ASN A 181 12.63 8.17 5.15
C ASN A 181 14.02 7.57 4.92
N ILE A 182 14.37 7.35 3.65
CA ILE A 182 15.66 6.74 3.32
C ILE A 182 16.80 7.67 3.75
N ASN A 183 16.66 8.97 3.53
CA ASN A 183 17.69 9.90 3.99
C ASN A 183 17.83 9.86 5.50
N ARG A 184 16.72 9.75 6.22
CA ARG A 184 16.82 9.60 7.67
C ARG A 184 17.47 8.28 8.05
N LEU A 185 17.07 7.18 7.40
CA LEU A 185 17.68 5.89 7.71
C LEU A 185 19.19 5.90 7.47
N LEU A 186 19.62 6.57 6.40
CA LEU A 186 21.05 6.60 6.07
C LEU A 186 21.88 7.33 7.13
N THR A 187 21.27 8.20 7.94
CA THR A 187 22.02 8.92 8.96
C THR A 187 21.56 8.55 10.37
N GLY A 188 20.86 7.44 10.51
CA GLY A 188 20.45 6.95 11.82
C GLY A 188 19.40 7.78 12.50
N ARG A 189 18.65 8.59 11.75
CA ARG A 189 17.73 9.58 12.31
C ARG A 189 16.26 9.27 12.01
N GLU A 190 15.95 8.06 11.57
CA GLU A 190 14.56 7.71 11.34
C GLU A 190 13.80 7.55 12.66
N HIS A 191 12.52 7.91 12.65
CA HIS A 191 11.69 7.76 13.84
CA HIS A 191 11.68 7.76 13.83
C HIS A 191 11.53 6.28 14.19
N ARG A 192 11.80 5.96 15.44
CA ARG A 192 11.81 4.58 15.91
C ARG A 192 10.59 4.31 16.77
N PHE A 193 10.04 3.10 16.65
CA PHE A 193 8.99 2.66 17.55
C PHE A 193 9.56 1.85 18.71
O21 78M B . -9.53 -3.74 -24.18
C20 78M B . -8.72 -4.01 -23.05
C18 78M B . -8.58 -5.50 -22.82
O19 78M B . -9.61 -5.95 -21.92
C17 78M B . -7.21 -5.88 -22.32
O2 78M B . -6.87 -4.85 -21.36
C1 78M B . -5.78 -4.12 -21.59
O1 78M B . -5.03 -4.31 -22.52
C2 78M B . -5.62 -3.03 -20.57
C3 78M B . -6.73 -2.00 -20.66
C4 78M B . -6.57 -0.88 -19.63
C5 78M B . -7.67 0.16 -19.72
C6 78M B . -7.47 1.33 -18.75
C7 78M B . -6.26 2.15 -19.05
C8 78M B . -5.92 3.29 -18.48
C9 78M B . -6.68 4.02 -17.41
C10 78M B . -7.14 5.41 -17.81
C11 78M B . -7.00 6.47 -16.72
C12 78M B . -7.78 6.23 -15.45
C13 78M B . -7.67 7.36 -14.44
C15 78M B . -7.23 9.86 -14.69
C14 78M B . -8.17 8.70 -14.99
O21 78M C . -0.76 -25.83 -9.15
C20 78M C . -0.72 -25.09 -7.93
C18 78M C . 0.69 -24.64 -7.62
O19 78M C . 1.53 -25.77 -7.34
C17 78M C . 0.75 -23.55 -6.57
O2 78M C . 1.20 -23.70 -5.19
C1 78M C . 2.21 -24.52 -4.88
O1 78M C . 2.49 -25.53 -5.49
C2 78M C . 2.94 -24.07 -3.66
C3 78M C . 4.01 -25.05 -3.21
C4 78M C . 4.57 -24.78 -1.83
C5 78M C . 5.73 -23.81 -1.77
C6 78M C . 6.44 -23.80 -0.41
C7 78M C . 6.56 -22.43 0.16
C8 78M C . 7.47 -21.97 1.00
C9 78M C . 8.61 -22.73 1.61
C10 78M C . 9.91 -21.93 1.54
C11 78M C . 10.44 -21.44 2.88
C12 78M C . 11.77 -20.69 2.77
C13 78M C . 12.42 -20.34 4.10
C15 78M C . 14.45 -19.36 5.27
C14 78M C . 13.78 -19.67 3.94
O21 78M D . 1.56 -23.04 -11.33
C20 78M D . 2.97 -22.84 -11.35
C18 78M D . 3.55 -23.27 -10.02
O19 78M D . 2.82 -22.67 -8.96
C17 78M D . 5.00 -22.89 -9.86
O2 78M D . 4.99 -22.89 -8.41
C1 78M D . 6.07 -22.43 -7.77
O1 78M D . 7.11 -22.15 -8.32
C2 78M D . 5.80 -22.31 -6.30
C3 78M D . 6.89 -22.86 -5.41
C4 78M D . 8.10 -21.95 -5.35
C5 78M D . 9.12 -22.37 -4.31
C6 78M D . 10.26 -21.39 -4.13
C7 78M D . 10.91 -21.56 -2.80
C8 78M D . 12.05 -20.99 -2.43
C9 78M D . 12.89 -20.07 -3.27
C10 78M D . 13.95 -19.39 -2.40
C11 78M D . 13.46 -19.11 -0.99
C12 78M D . 14.55 -18.78 0.02
C13 78M D . 15.38 -19.98 0.47
C15 78M D . 17.68 -18.97 0.86
C14 78M D . 16.48 -19.64 1.48
O21 78M E . -2.73 -5.96 -24.37
C20 78M E . -1.99 -5.41 -23.28
C18 78M E . -0.52 -5.29 -23.64
O19 78M E . -0.07 -6.50 -24.26
C17 78M E . 0.35 -5.01 -22.44
O2 78M E . 0.51 -3.61 -22.16
C1 78M E . 1.76 -3.22 -21.89
O1 78M E . 2.72 -3.93 -22.01
C2 78M E . 1.82 -1.79 -21.40
C3 78M E . 3.23 -1.41 -20.94
C4 78M E . 3.35 -0.02 -20.31
C5 78M E . 4.78 0.35 -19.93
C6 78M E . 4.93 1.53 -18.96
C7 78M E . 6.38 1.68 -18.54
C8 78M E . 6.90 2.25 -17.46
C9 78M E . 6.21 2.92 -16.29
C10 78M E . 7.26 3.53 -15.35
C11 78M E . 6.77 4.01 -13.98
C12 78M E . 7.92 4.34 -13.01
C13 78M E . 7.53 4.91 -11.66
C15 78M E . 8.42 6.19 -9.64
C14 78M E . 8.72 5.24 -10.78
O21 78M F . 19.70 0.03 12.73
C20 78M F . 19.25 0.23 11.39
C18 78M F . 20.42 0.47 10.46
O19 78M F . 21.05 1.72 10.77
C17 78M F . 20.02 0.46 9.01
O2 78M F . 19.60 -0.90 8.75
C1 78M F . 20.56 -1.75 8.34
O1 78M F . 21.70 -1.45 8.19
C2 78M F . 20.01 -3.13 8.13
C3 78M F . 19.06 -3.23 6.95
C4 78M F . 18.51 -4.63 6.76
C5 78M F . 17.55 -4.79 5.60
C6 78M F . 17.15 -6.23 5.36
C7 78M F . 18.35 -7.11 5.17
C8 78M F . 18.40 -8.19 4.43
C9 78M F . 17.28 -8.77 3.65
C10 78M F . 16.55 -9.89 4.38
C11 78M F . 15.05 -9.64 4.56
C12 78M F . 14.19 -10.82 4.15
C13 78M F . 14.25 -11.12 2.67
C15 78M F . 13.52 -12.63 0.77
C14 78M F . 13.56 -12.42 2.27
O21 78M G . 24.39 -2.78 8.85
C20 78M G . 24.80 -1.44 9.14
C18 78M G . 24.95 -0.66 7.86
O19 78M G . 26.02 -1.22 7.08
C17 78M G . 25.20 0.81 8.11
O2 78M G . 24.46 1.39 7.01
C1 78M G . 23.43 2.17 7.31
O1 78M G . 23.23 2.61 8.41
C2 78M G . 22.55 2.40 6.12
C3 78M G . 21.15 2.84 6.51
C4 78M G . 20.03 1.97 5.96
C5 78M G . 19.56 2.31 4.56
C6 78M G . 18.14 1.84 4.28
C7 78M G . 17.75 1.95 2.85
C8 78M G . 17.15 1.01 2.13
C9 78M G . 16.76 -0.35 2.61
C10 78M G . 17.01 -1.43 1.55
C11 78M G . 16.56 -2.83 1.94
C12 78M G . 16.76 -3.87 0.85
C13 78M G . 16.27 -5.27 1.19
C15 78M G . 15.88 -7.65 0.35
C14 78M G . 16.54 -6.31 0.09
O21 78M H . 4.71 -5.26 19.05
C20 78M H . 5.43 -4.40 18.17
C18 78M H . 4.50 -3.71 17.20
O19 78M H . 3.90 -2.58 17.84
C17 78M H . 3.42 -4.63 16.69
O2 78M H . 3.19 -4.29 15.31
C1 78M H . 2.08 -4.80 14.75
O1 78M H . 1.29 -5.48 15.35
C2 78M H . 1.95 -4.40 13.32
C3 78M H . 0.55 -4.66 12.78
C4 78M H . 0.29 -3.98 11.45
C5 78M H . -1.17 -3.96 11.01
C6 78M H . -1.74 -5.32 10.62
C7 78M H . -2.38 -6.08 11.76
C8 78M H . -3.06 -7.20 11.65
C9 78M H . -3.33 -7.95 10.38
C10 78M H . -2.83 -9.39 10.43
C11 78M H . -2.82 -10.08 9.08
C12 78M H . -2.15 -9.26 7.98
C13 78M H . -1.72 -10.08 6.78
C15 78M H . -1.82 -10.41 4.29
C14 78M H . -2.45 -9.74 5.49
P 87O I . 0.55 -19.87 -4.41
O1 87O I . 1.94 -20.01 -3.66
O2 87O I . 0.48 -20.93 -5.41
C 87O I . 11.61 -12.10 8.44
O 87O I . 3.45 -20.13 -5.20
C1 87O I . 11.93 -13.36 7.66
C10 87O I . 7.97 -18.38 -0.99
C11 87O I . 7.18 -17.71 -2.12
C12 87O I . 6.32 -18.66 -2.96
C13 87O I . 4.90 -18.91 -2.47
C14 87O I . 4.31 -20.23 -2.96
C15 87O I . 3.25 -20.12 -4.01
C2 87O I . 10.79 -13.87 6.79
C3 87O I . 11.27 -14.95 5.83
C4 87O I . 10.32 -15.39 4.74
C5 87O I . 11.05 -15.87 3.49
C6 87O I . 10.56 -17.18 2.87
C7 87O I . 9.79 -17.02 1.56
C8 87O I . 10.03 -18.11 0.52
C9 87O I . 9.39 -17.86 -0.83
O3 87O I . -0.54 -19.93 -3.33
O4 87O I . 0.57 -18.50 -5.04
P 87O J . 0.38 3.79 3.78
O1 87O J . 0.68 3.95 5.34
O2 87O J . -0.68 2.81 3.60
C 87O J . 4.25 -5.02 -3.30
O 87O J . 1.28 3.64 7.47
C1 87O J . 3.81 -4.53 -1.94
C10 87O J . 2.21 -2.31 7.37
C11 87O J . 1.08 -1.35 7.07
C12 87O J . 1.25 -0.05 7.81
C13 87O J . 1.97 0.96 6.97
C14 87O J . 1.01 1.71 6.09
C15 87O J . 1.00 3.17 6.40
C2 87O J . 4.19 -5.44 -0.79
C3 87O J . 3.96 -4.85 0.58
C4 87O J . 4.59 -5.68 1.68
C5 87O J . 4.57 -5.09 3.06
C6 87O J . 3.19 -4.84 3.62
C7 87O J . 3.21 -4.31 5.03
C8 87O J . 1.84 -4.01 5.57
C9 87O J . 1.84 -3.71 7.03
O3 87O J . 0.02 5.25 3.35
O4 87O J . 1.74 3.40 3.18
K K K . -5.74 15.57 -3.48
K K L . 7.16 9.50 7.38
P PO4 M . 7.60 7.53 10.14
P PO4 M . 4.92 7.87 9.05
O1 PO4 M . 7.06 6.19 10.62
O1 PO4 M . 5.09 7.05 7.80
O2 PO4 M . 6.44 8.43 9.78
O2 PO4 M . 3.56 7.66 9.66
O3 PO4 M . 8.44 8.16 11.23
O3 PO4 M . 5.99 7.51 10.06
O4 PO4 M . 8.46 7.31 8.93
O4 PO4 M . 5.00 9.33 8.69
#